data_3L2W
#
_entry.id   3L2W
#
_cell.length_a   157.880
_cell.length_b   157.880
_cell.length_c   125.090
_cell.angle_alpha   90.00
_cell.angle_beta   90.00
_cell.angle_gamma   90.00
#
_symmetry.space_group_name_H-M   'P 41 21 2'
#
loop_
_entity.id
_entity.type
_entity.pdbx_description
1 polymer Integrase
2 polymer "5'-D(*AP*TP*TP*GP*TP*CP*AP*TP*GP*GP*AP*AP*TP*TP*TP*TP*GP*TP*A)-3'"
3 polymer "5'-D(*TP*AP*CP*AP*AP*AP*AP*TP*TP*CP*CP*AP*TP*GP*AP*CP*A)-3'"
4 non-polymer 'ZINC ION'
5 non-polymer 'MANGANESE (II) ION'
6 non-polymer 'AMMONIUM ION'
7 non-polymer '6-(3-chloro-2-fluorobenzyl)-1-[(1S)-1-(hydroxymethyl)-2-methylpropyl]-7-methoxy-4-oxo-1,4-dihydroquinoline-3-carboxylic acid'
8 non-polymer GLYCEROL
#
loop_
_entity_poly.entity_id
_entity_poly.type
_entity_poly.pdbx_seq_one_letter_code
_entity_poly.pdbx_strand_id
1 'polypeptide(L)'
;GPGCNTKKPNLDAELDQLLQGHYIKGYPKQYTYFLEDGKVKVSRPEGVKIIPPQSDRQKIVLQAHNLAHTGREATLLKIA
NLYWWPNMRKDVVKQLGRCQQCLITNASNKASGPILRPDRPQKPFDKFFIDYIGPLPPSQGYLYVLVVVDGMTGFTWLYP
TKAPSTSATVKSLNVLTSIAIPKVIHSDQGAAFTSSTFAEWAKERGIHLEFSTPYHPQSSGKVERKNSDIKRLLTKLLVG
RPTKWYDLLPVVQLALNNTYSPVLKYTPHQLLFGIDSNTPFANQDTLDLTREEELSLLQEIRTSLYHPSTPPASSRSWSP
VVGQLVQERVARPASLRPRWHKPSTVLKVLNPRTVVILDHLGNNRTVSIDNLKPTSHQNGTTNDTATMDHLEKNE
;
A,B
2 'polydeoxyribonucleotide' (DA)(DT)(DT)(DG)(DT)(DC)(DA)(DT)(DG)(DG)(DA)(DA)(DT)(DT)(DT)(DT)(DG)(DT)(DA) C
3 'polydeoxyribonucleotide' (DT)(DA)(DC)(DA)(DA)(DA)(DA)(DT)(DT)(DC)(DC)(DA)(DT)(DG)(DA)(DC)(DA) D
#
loop_
_chem_comp.id
_chem_comp.type
_chem_comp.name
_chem_comp.formula
DA DNA linking 2'-DEOXYADENOSINE-5'-MONOPHOSPHATE 'C10 H14 N5 O6 P'
DC DNA linking 2'-DEOXYCYTIDINE-5'-MONOPHOSPHATE 'C9 H14 N3 O7 P'
DG DNA linking 2'-DEOXYGUANOSINE-5'-MONOPHOSPHATE 'C10 H14 N5 O7 P'
DT DNA linking THYMIDINE-5'-MONOPHOSPHATE 'C10 H15 N2 O8 P'
ELV non-polymer '6-(3-chloro-2-fluorobenzyl)-1-[(1S)-1-(hydroxymethyl)-2-methylpropyl]-7-methoxy-4-oxo-1,4-dihydroquinoline-3-carboxylic acid' 'C23 H23 Cl F N O5'
GOL non-polymer GLYCEROL 'C3 H8 O3'
MN non-polymer 'MANGANESE (II) ION' 'Mn 2'
NH4 non-polymer 'AMMONIUM ION' 'H4 N 1'
ZN non-polymer 'ZINC ION' 'Zn 2'
#
# COMPACT_ATOMS: atom_id res chain seq x y z
N ALA A 13 -43.04 -30.70 39.53
CA ALA A 13 -42.45 -31.23 40.79
C ALA A 13 -42.17 -30.10 41.77
N GLU A 14 -41.23 -29.23 41.41
CA GLU A 14 -40.82 -28.08 42.25
C GLU A 14 -41.93 -27.02 42.41
N LEU A 15 -43.07 -27.25 41.76
CA LEU A 15 -44.18 -26.30 41.76
C LEU A 15 -45.27 -26.60 42.78
N ASP A 16 -45.26 -27.79 43.36
CA ASP A 16 -46.23 -28.14 44.39
C ASP A 16 -46.03 -27.25 45.62
N GLN A 17 -44.79 -27.15 46.10
CA GLN A 17 -44.47 -26.46 47.35
C GLN A 17 -44.96 -25.02 47.35
N LEU A 18 -44.96 -24.42 46.17
CA LEU A 18 -45.30 -23.02 45.97
C LEU A 18 -46.79 -22.74 46.23
N LEU A 19 -47.64 -23.57 45.64
CA LEU A 19 -49.09 -23.54 45.90
C LEU A 19 -49.37 -23.79 47.38
N GLN A 20 -48.53 -24.63 48.00
CA GLN A 20 -48.58 -24.90 49.43
C GLN A 20 -48.29 -23.65 50.26
N GLY A 21 -47.59 -22.69 49.68
CA GLY A 21 -47.28 -21.44 50.37
C GLY A 21 -45.90 -21.43 50.98
N HIS A 22 -45.15 -22.51 50.79
CA HIS A 22 -43.76 -22.55 51.22
C HIS A 22 -42.88 -21.77 50.24
N TYR A 23 -41.82 -21.16 50.76
CA TYR A 23 -40.97 -20.25 49.97
C TYR A 23 -40.02 -21.02 49.06
N ILE A 24 -39.85 -20.52 47.83
CA ILE A 24 -38.88 -21.06 46.87
C ILE A 24 -37.88 -19.97 46.48
N LYS A 25 -36.58 -20.27 46.64
CA LYS A 25 -35.52 -19.32 46.34
C LYS A 25 -35.68 -18.76 44.93
N GLY A 26 -36.09 -17.50 44.86
CA GLY A 26 -36.29 -16.81 43.58
C GLY A 26 -37.74 -16.51 43.22
N TYR A 27 -38.69 -17.01 44.01
CA TYR A 27 -40.10 -16.73 43.79
C TYR A 27 -40.63 -15.81 44.87
N PRO A 28 -40.73 -14.50 44.57
CA PRO A 28 -41.11 -13.50 45.57
C PRO A 28 -42.48 -13.75 46.18
N LYS A 29 -42.51 -14.11 47.46
CA LYS A 29 -43.76 -14.24 48.23
C LYS A 29 -44.37 -12.85 48.42
N GLN A 30 -45.68 -12.80 48.68
CA GLN A 30 -46.50 -11.57 48.69
C GLN A 30 -47.42 -11.58 47.49
N TYR A 31 -47.02 -12.30 46.45
CA TYR A 31 -47.88 -12.55 45.31
C TYR A 31 -48.54 -13.88 45.54
N THR A 32 -49.85 -13.94 45.34
CA THR A 32 -50.59 -15.18 45.54
C THR A 32 -50.45 -16.08 44.31
N TYR A 33 -49.98 -17.31 44.55
CA TYR A 33 -49.74 -18.29 43.50
C TYR A 33 -50.87 -19.32 43.50
N PHE A 34 -51.93 -19.02 42.77
CA PHE A 34 -53.07 -19.94 42.69
C PHE A 34 -52.95 -20.95 41.53
N LEU A 35 -54.06 -21.63 41.23
CA LEU A 35 -54.11 -22.70 40.24
C LEU A 35 -55.37 -22.57 39.38
N GLU A 36 -55.22 -22.72 38.06
CA GLU A 36 -56.34 -22.73 37.11
C GLU A 36 -55.97 -23.53 35.85
N ASP A 37 -56.95 -24.24 35.31
CA ASP A 37 -56.79 -25.03 34.06
C ASP A 37 -55.67 -26.08 34.17
N GLY A 38 -55.29 -26.43 35.39
CA GLY A 38 -54.17 -27.35 35.62
C GLY A 38 -52.81 -26.75 35.32
N LYS A 39 -52.73 -25.42 35.28
CA LYS A 39 -51.45 -24.71 35.19
C LYS A 39 -51.30 -23.83 36.43
N VAL A 40 -50.07 -23.58 36.85
CA VAL A 40 -49.83 -22.71 37.99
C VAL A 40 -49.86 -21.27 37.50
N LYS A 41 -50.56 -20.41 38.21
CA LYS A 41 -50.65 -19.00 37.80
C LYS A 41 -50.25 -18.05 38.92
N VAL A 42 -49.73 -16.88 38.55
CA VAL A 42 -49.47 -15.82 39.52
C VAL A 42 -50.12 -14.50 39.10
N SER A 43 -50.67 -13.80 40.11
CA SER A 43 -51.25 -12.47 39.93
C SER A 43 -50.17 -11.42 40.18
N ARG A 44 -49.79 -10.72 39.12
CA ARG A 44 -48.72 -9.74 39.20
C ARG A 44 -49.22 -8.35 38.77
N PRO A 45 -48.53 -7.28 39.25
CA PRO A 45 -48.87 -5.92 38.81
C PRO A 45 -49.16 -5.81 37.31
N GLU A 46 -48.29 -6.39 36.48
CA GLU A 46 -48.47 -6.37 35.01
C GLU A 46 -49.75 -7.08 34.52
N GLY A 47 -50.26 -8.01 35.34
CA GLY A 47 -51.43 -8.81 35.01
C GLY A 47 -51.29 -10.20 35.62
N VAL A 48 -52.13 -11.14 35.18
CA VAL A 48 -52.01 -12.52 35.64
C VAL A 48 -51.31 -13.41 34.60
N LYS A 49 -50.17 -13.98 34.99
CA LYS A 49 -49.37 -14.79 34.07
C LYS A 49 -49.26 -16.25 34.51
N ILE A 50 -48.99 -17.12 33.54
CA ILE A 50 -48.77 -18.55 33.78
C ILE A 50 -47.31 -18.79 34.14
N ILE A 51 -47.07 -19.64 35.13
CA ILE A 51 -45.70 -20.02 35.45
C ILE A 51 -45.46 -21.44 34.96
N PRO A 52 -44.67 -21.60 33.91
CA PRO A 52 -44.40 -22.95 33.40
C PRO A 52 -43.30 -23.65 34.18
N PRO A 53 -43.33 -25.01 34.24
CA PRO A 53 -42.29 -25.81 34.88
C PRO A 53 -40.95 -25.66 34.19
N GLN A 54 -39.87 -25.86 34.94
CA GLN A 54 -38.50 -25.73 34.42
C GLN A 54 -38.33 -26.45 33.08
N SER A 55 -38.83 -27.68 33.00
CA SER A 55 -38.62 -28.54 31.84
C SER A 55 -39.36 -28.08 30.58
N ASP A 56 -40.04 -26.93 30.65
CA ASP A 56 -40.80 -26.42 29.52
C ASP A 56 -40.28 -25.09 29.03
N ARG A 57 -39.51 -24.41 29.89
CA ARG A 57 -39.15 -23.03 29.68
C ARG A 57 -38.28 -22.83 28.45
N GLN A 58 -37.24 -23.63 28.31
CA GLN A 58 -36.39 -23.56 27.14
C GLN A 58 -37.21 -23.73 25.84
N LYS A 59 -38.07 -24.73 25.78
CA LYS A 59 -39.00 -24.89 24.64
C LYS A 59 -39.79 -23.62 24.38
N ILE A 60 -40.28 -22.97 25.44
CA ILE A 60 -41.06 -21.74 25.30
C ILE A 60 -40.19 -20.65 24.68
N VAL A 61 -39.09 -20.32 25.35
CA VAL A 61 -38.18 -19.26 24.89
C VAL A 61 -37.84 -19.43 23.41
N LEU A 62 -37.47 -20.65 23.03
CA LEU A 62 -37.13 -20.93 21.65
C LEU A 62 -38.29 -20.63 20.71
N GLN A 63 -39.50 -21.03 21.11
CA GLN A 63 -40.70 -20.84 20.30
C GLN A 63 -40.95 -19.38 20.01
N ALA A 64 -40.80 -18.57 21.04
CA ALA A 64 -41.00 -17.13 20.96
C ALA A 64 -39.93 -16.55 20.09
N HIS A 65 -38.68 -16.88 20.37
CA HIS A 65 -37.58 -16.34 19.57
C HIS A 65 -37.72 -16.69 18.10
N ASN A 66 -38.08 -17.94 17.81
CA ASN A 66 -38.16 -18.41 16.44
C ASN A 66 -39.22 -17.72 15.58
N LEU A 67 -40.09 -16.93 16.18
CA LEU A 67 -41.14 -16.25 15.42
C LEU A 67 -40.58 -15.32 14.36
N ALA A 68 -39.59 -14.50 14.74
CA ALA A 68 -38.85 -13.66 13.78
C ALA A 68 -37.38 -13.50 14.17
N HIS A 69 -36.92 -14.42 15.02
CA HIS A 69 -35.52 -14.48 15.43
C HIS A 69 -35.09 -13.18 16.10
N THR A 70 -35.98 -12.72 16.96
CA THR A 70 -35.87 -11.43 17.64
C THR A 70 -34.83 -11.49 18.74
N GLY A 71 -34.13 -10.39 18.97
CA GLY A 71 -33.14 -10.28 20.06
C GLY A 71 -33.74 -10.27 21.47
N ARG A 72 -32.94 -9.87 22.46
CA ARG A 72 -33.33 -9.98 23.88
C ARG A 72 -34.70 -9.37 24.22
N GLU A 73 -34.79 -8.05 24.09
CA GLU A 73 -35.98 -7.33 24.51
C GLU A 73 -37.23 -7.73 23.72
N ALA A 74 -37.08 -7.79 22.39
CA ALA A 74 -38.20 -8.14 21.52
C ALA A 74 -38.74 -9.55 21.82
N THR A 75 -37.85 -10.51 22.02
CA THR A 75 -38.24 -11.87 22.39
C THR A 75 -38.97 -11.86 23.72
N LEU A 76 -38.37 -11.26 24.75
CA LEU A 76 -38.94 -11.24 26.10
C LEU A 76 -40.37 -10.68 26.13
N LEU A 77 -40.60 -9.60 25.39
CA LEU A 77 -41.89 -8.94 25.33
C LEU A 77 -43.00 -9.86 24.84
N LYS A 78 -42.69 -10.70 23.86
CA LYS A 78 -43.61 -11.75 23.45
C LYS A 78 -43.91 -12.70 24.62
N ILE A 79 -42.85 -13.28 25.18
CA ILE A 79 -42.98 -14.26 26.25
C ILE A 79 -43.78 -13.68 27.43
N ALA A 80 -43.44 -12.47 27.82
CA ALA A 80 -44.06 -11.77 28.93
C ALA A 80 -45.57 -11.72 28.83
N ASN A 81 -46.09 -11.72 27.59
CA ASN A 81 -47.54 -11.73 27.39
C ASN A 81 -48.26 -12.85 28.12
N LEU A 82 -47.73 -14.06 28.02
CA LEU A 82 -48.38 -15.19 28.62
C LEU A 82 -47.71 -15.67 29.91
N TYR A 83 -46.38 -15.62 29.98
CA TYR A 83 -45.70 -16.28 31.07
C TYR A 83 -44.92 -15.38 31.98
N TRP A 84 -44.69 -15.88 33.19
CA TRP A 84 -43.67 -15.34 34.09
C TRP A 84 -42.89 -16.47 34.76
N TRP A 85 -41.60 -16.22 35.00
CA TRP A 85 -40.75 -17.03 35.89
C TRP A 85 -39.53 -16.22 36.34
N PRO A 86 -38.77 -16.70 37.35
CA PRO A 86 -37.58 -15.97 37.78
C PRO A 86 -36.53 -15.83 36.69
N ASN A 87 -36.00 -14.61 36.57
CA ASN A 87 -34.89 -14.29 35.67
C ASN A 87 -35.13 -14.68 34.22
N MET A 88 -36.31 -14.31 33.71
CA MET A 88 -36.70 -14.63 32.35
C MET A 88 -35.58 -14.32 31.36
N ARG A 89 -35.04 -13.10 31.45
CA ARG A 89 -34.03 -12.69 30.49
C ARG A 89 -32.83 -13.61 30.47
N LYS A 90 -32.35 -14.01 31.65
CA LYS A 90 -31.22 -14.94 31.73
C LYS A 90 -31.41 -16.11 30.74
N ASP A 91 -32.61 -16.70 30.77
CA ASP A 91 -32.95 -17.80 29.88
C ASP A 91 -33.00 -17.39 28.42
N VAL A 92 -33.56 -16.20 28.15
CA VAL A 92 -33.64 -15.68 26.79
C VAL A 92 -32.23 -15.56 26.20
N VAL A 93 -31.36 -14.87 26.93
CA VAL A 93 -29.98 -14.65 26.51
C VAL A 93 -29.26 -15.97 26.23
N LYS A 94 -29.60 -17.02 26.98
CA LYS A 94 -29.00 -18.34 26.77
C LYS A 94 -29.30 -18.84 25.35
N GLN A 95 -30.56 -18.70 24.94
CA GLN A 95 -31.00 -19.12 23.61
C GLN A 95 -30.35 -18.35 22.50
N LEU A 96 -30.34 -17.03 22.63
CA LEU A 96 -29.76 -16.16 21.59
C LEU A 96 -28.30 -16.48 21.38
N GLY A 97 -27.64 -17.00 22.41
CA GLY A 97 -26.26 -17.44 22.31
C GLY A 97 -26.10 -18.70 21.48
N ARG A 98 -27.13 -19.56 21.49
CA ARG A 98 -27.10 -20.84 20.76
C ARG A 98 -27.86 -20.86 19.43
N CYS A 99 -28.43 -19.72 19.02
CA CYS A 99 -29.10 -19.67 17.73
C CYS A 99 -28.10 -19.49 16.60
N GLN A 100 -27.76 -20.59 15.94
CA GLN A 100 -26.79 -20.56 14.86
C GLN A 100 -27.12 -19.41 13.90
N GLN A 101 -28.37 -19.39 13.42
CA GLN A 101 -28.85 -18.43 12.44
C GLN A 101 -28.60 -16.97 12.79
N CYS A 102 -29.11 -16.54 13.95
CA CYS A 102 -28.92 -15.16 14.42
C CYS A 102 -27.46 -14.74 14.56
N LEU A 103 -26.65 -15.61 15.13
CA LEU A 103 -25.22 -15.36 15.30
C LEU A 103 -24.50 -15.03 14.00
N ILE A 104 -24.86 -15.71 12.91
CA ILE A 104 -24.17 -15.52 11.65
C ILE A 104 -24.84 -14.53 10.70
N THR A 105 -26.00 -14.00 11.10
CA THR A 105 -26.69 -13.02 10.24
C THR A 105 -26.76 -11.62 10.81
N ASN A 106 -27.17 -11.51 12.08
CA ASN A 106 -27.18 -10.23 12.80
C ASN A 106 -25.89 -9.44 12.65
N ALA A 107 -26.00 -8.11 12.52
CA ALA A 107 -24.82 -7.26 12.41
C ALA A 107 -24.23 -6.97 13.79
N SER A 108 -23.12 -6.25 13.82
CA SER A 108 -22.50 -5.84 15.06
C SER A 108 -23.14 -4.57 15.61
N ASN A 109 -22.89 -4.30 16.88
CA ASN A 109 -23.21 -2.98 17.41
C ASN A 109 -22.08 -2.50 18.29
N LYS A 110 -20.90 -3.09 18.08
CA LYS A 110 -19.67 -2.75 18.77
C LYS A 110 -18.65 -2.45 17.70
N ALA A 111 -17.99 -1.31 17.80
CA ALA A 111 -17.08 -0.85 16.76
C ALA A 111 -15.65 -1.20 17.08
N SER A 112 -14.81 -1.30 16.05
CA SER A 112 -13.39 -1.57 16.23
C SER A 112 -12.76 -0.47 17.07
N GLY A 113 -11.71 -0.80 17.81
CA GLY A 113 -11.01 0.20 18.60
C GLY A 113 -10.28 1.16 17.68
N PRO A 114 -9.60 2.16 18.25
CA PRO A 114 -8.89 3.20 17.50
C PRO A 114 -7.88 2.61 16.53
N ILE A 115 -7.78 3.17 15.33
CA ILE A 115 -6.77 2.73 14.38
C ILE A 115 -5.37 2.97 14.90
N LEU A 116 -4.37 2.41 14.21
CA LEU A 116 -2.97 2.66 14.55
C LEU A 116 -2.34 3.48 13.46
N ARG A 117 -1.30 4.22 13.83
CA ARG A 117 -0.63 5.07 12.87
C ARG A 117 0.81 4.64 12.73
N PRO A 118 1.05 3.51 12.01
CA PRO A 118 2.36 2.86 11.94
C PRO A 118 3.46 3.87 11.67
N ASP A 119 4.58 3.71 12.37
CA ASP A 119 5.67 4.65 12.24
C ASP A 119 6.07 4.80 10.80
N ARG A 120 6.36 6.03 10.40
CA ARG A 120 6.81 6.27 9.04
C ARG A 120 8.17 5.61 8.90
N PRO A 121 8.36 4.88 7.79
CA PRO A 121 9.63 4.27 7.42
C PRO A 121 10.81 5.24 7.55
N GLN A 122 11.92 4.76 8.12
CA GLN A 122 13.07 5.59 8.48
C GLN A 122 13.68 6.25 7.25
N LYS A 123 14.12 5.43 6.32
CA LYS A 123 14.78 5.91 5.12
C LYS A 123 14.00 5.49 3.87
N PRO A 124 14.15 6.24 2.75
CA PRO A 124 13.55 5.78 1.50
C PRO A 124 14.10 4.42 1.12
N PHE A 125 13.27 3.65 0.44
CA PHE A 125 13.61 2.29 -0.02
C PHE A 125 13.53 1.22 1.09
N ASP A 126 13.24 1.63 2.32
CA ASP A 126 12.91 0.70 3.39
C ASP A 126 11.66 -0.08 3.00
N LYS A 127 10.68 0.62 2.45
CA LYS A 127 9.37 0.06 2.19
C LYS A 127 8.65 0.78 1.06
N PHE A 128 8.19 -0.04 0.11
CA PHE A 128 7.41 0.39 -1.03
C PHE A 128 6.01 -0.15 -0.82
N PHE A 129 5.00 0.70 -1.05
CA PHE A 129 3.62 0.25 -1.10
C PHE A 129 3.18 0.19 -2.55
N ILE A 130 2.53 -0.91 -2.94
CA ILE A 130 2.11 -1.03 -4.33
C ILE A 130 0.67 -1.51 -4.46
N ASP A 131 0.04 -1.09 -5.55
CA ASP A 131 -1.33 -1.46 -5.86
C ASP A 131 -1.59 -1.16 -7.32
N TYR A 132 -2.64 -1.74 -7.87
CA TYR A 132 -3.12 -1.43 -9.20
C TYR A 132 -4.39 -0.63 -9.11
N ILE A 133 -4.52 0.36 -10.00
CA ILE A 133 -5.74 1.10 -10.25
C ILE A 133 -6.36 0.54 -11.53
N GLY A 134 -7.69 0.50 -11.59
CA GLY A 134 -8.38 0.14 -12.84
C GLY A 134 -9.39 -0.99 -12.75
N PRO A 135 -10.07 -1.31 -13.86
CA PRO A 135 -9.74 -0.91 -15.22
C PRO A 135 -10.15 0.51 -15.51
N LEU A 136 -9.39 1.16 -16.39
CA LEU A 136 -9.72 2.48 -16.91
C LEU A 136 -10.16 2.37 -18.38
N PRO A 137 -10.79 3.43 -18.93
CA PRO A 137 -11.06 3.43 -20.36
C PRO A 137 -9.80 3.15 -21.18
N PRO A 138 -9.85 2.15 -22.08
CA PRO A 138 -8.75 1.82 -22.95
C PRO A 138 -8.10 3.03 -23.58
N SER A 139 -6.89 3.32 -23.13
CA SER A 139 -6.02 4.26 -23.80
C SER A 139 -4.81 3.49 -24.34
N GLN A 140 -4.54 3.63 -25.64
CA GLN A 140 -3.38 3.00 -26.29
C GLN A 140 -3.26 1.50 -26.05
N GLY A 141 -4.39 0.86 -25.73
CA GLY A 141 -4.41 -0.57 -25.46
C GLY A 141 -4.11 -0.96 -24.02
N TYR A 142 -3.92 0.05 -23.16
CA TYR A 142 -3.65 -0.19 -21.74
C TYR A 142 -4.89 0.07 -20.88
N LEU A 143 -4.99 -0.64 -19.76
CA LEU A 143 -6.19 -0.54 -18.92
C LEU A 143 -5.89 -0.23 -17.46
N TYR A 144 -4.69 -0.54 -16.99
CA TYR A 144 -4.38 -0.41 -15.56
C TYR A 144 -3.10 0.38 -15.32
N VAL A 145 -3.03 1.03 -14.18
CA VAL A 145 -1.79 1.68 -13.76
C VAL A 145 -1.30 0.97 -12.53
N LEU A 146 -0.04 0.53 -12.59
CA LEU A 146 0.67 0.09 -11.40
C LEU A 146 1.21 1.31 -10.68
N VAL A 147 0.87 1.44 -9.40
CA VAL A 147 1.30 2.54 -8.57
C VAL A 147 2.22 2.00 -7.49
N VAL A 148 3.37 2.66 -7.34
CA VAL A 148 4.42 2.28 -6.39
C VAL A 148 4.78 3.52 -5.56
N VAL A 149 4.48 3.48 -4.27
CA VAL A 149 4.73 4.63 -3.42
C VAL A 149 5.83 4.30 -2.43
N ASP A 150 6.89 5.09 -2.43
CA ASP A 150 7.89 4.95 -1.40
C ASP A 150 7.31 5.37 -0.05
N GLY A 151 7.38 4.46 0.92
CA GLY A 151 6.83 4.69 2.25
C GLY A 151 7.34 5.93 2.93
N MET A 152 8.65 6.14 2.89
CA MET A 152 9.24 7.25 3.64
C MET A 152 8.88 8.62 3.04
N THR A 153 9.22 8.77 1.76
CA THR A 153 9.18 10.06 1.09
C THR A 153 7.81 10.34 0.47
N GLY A 154 7.14 9.27 0.04
CA GLY A 154 5.86 9.41 -0.61
C GLY A 154 6.05 9.48 -2.11
N PHE A 155 7.30 9.46 -2.56
CA PHE A 155 7.61 9.43 -3.98
C PHE A 155 6.92 8.29 -4.71
N THR A 156 6.39 8.59 -5.89
CA THR A 156 5.55 7.64 -6.59
C THR A 156 5.97 7.39 -8.02
N TRP A 157 6.03 6.12 -8.38
CA TRP A 157 6.27 5.71 -9.74
C TRP A 157 4.98 5.17 -10.33
N LEU A 158 4.72 5.48 -11.60
CA LEU A 158 3.52 5.01 -12.29
C LEU A 158 3.88 4.20 -13.53
N TYR A 159 3.21 3.06 -13.71
CA TYR A 159 3.44 2.24 -14.88
C TYR A 159 2.12 1.78 -15.48
N PRO A 160 1.92 2.03 -16.80
CA PRO A 160 0.69 1.59 -17.48
C PRO A 160 0.74 0.10 -17.81
N THR A 161 -0.32 -0.65 -17.52
CA THR A 161 -0.34 -2.08 -17.84
C THR A 161 -1.67 -2.55 -18.44
N LYS A 162 -1.60 -3.67 -19.16
CA LYS A 162 -2.76 -4.18 -19.87
C LYS A 162 -3.58 -5.13 -19.00
N ALA A 163 -2.96 -5.62 -17.92
CA ALA A 163 -3.62 -6.51 -16.95
C ALA A 163 -3.02 -6.29 -15.57
N PRO A 164 -3.81 -6.46 -14.51
CA PRO A 164 -3.24 -6.39 -13.16
C PRO A 164 -2.60 -7.72 -12.81
N SER A 165 -1.46 -8.00 -13.42
CA SER A 165 -0.88 -9.32 -13.45
C SER A 165 0.58 -9.32 -13.02
N THR A 166 1.01 -10.44 -12.42
CA THR A 166 2.41 -10.67 -12.05
C THR A 166 3.35 -10.31 -13.18
N SER A 167 3.08 -10.81 -14.39
CA SER A 167 3.91 -10.53 -15.55
C SER A 167 4.23 -9.04 -15.60
N ALA A 168 3.17 -8.24 -15.67
CA ALA A 168 3.28 -6.80 -15.79
C ALA A 168 4.00 -6.16 -14.60
N THR A 169 3.65 -6.62 -13.40
CA THR A 169 4.27 -6.13 -12.18
C THR A 169 5.77 -6.35 -12.20
N VAL A 170 6.17 -7.56 -12.54
CA VAL A 170 7.58 -7.93 -12.61
C VAL A 170 8.30 -7.05 -13.64
N LYS A 171 7.71 -6.89 -14.83
CA LYS A 171 8.31 -6.11 -15.91
C LYS A 171 8.57 -4.68 -15.42
N SER A 172 7.55 -4.09 -14.82
CA SER A 172 7.58 -2.72 -14.35
C SER A 172 8.61 -2.54 -13.25
N LEU A 173 8.60 -3.44 -12.27
CA LEU A 173 9.50 -3.36 -11.13
C LEU A 173 10.97 -3.60 -11.50
N ASN A 174 11.22 -4.36 -12.55
CA ASN A 174 12.56 -4.49 -13.09
C ASN A 174 13.13 -3.16 -13.57
N VAL A 175 12.27 -2.28 -14.04
CA VAL A 175 12.71 -0.94 -14.45
C VAL A 175 12.99 -0.11 -13.21
N LEU A 176 12.02 -0.10 -12.29
CA LEU A 176 12.07 0.74 -11.11
C LEU A 176 13.32 0.46 -10.28
N THR A 177 13.57 -0.82 -10.01
CA THR A 177 14.67 -1.24 -9.18
C THR A 177 15.99 -1.23 -9.93
N SER A 178 16.06 -0.48 -11.03
CA SER A 178 17.34 -0.16 -11.63
C SER A 178 17.87 1.04 -10.89
N ILE A 179 17.01 1.67 -10.11
CA ILE A 179 17.40 2.85 -9.35
C ILE A 179 17.93 2.34 -8.03
N ALA A 180 17.08 1.67 -7.27
CA ALA A 180 17.51 1.06 -6.01
C ALA A 180 16.61 -0.09 -5.64
N ILE A 181 17.10 -0.96 -4.76
CA ILE A 181 16.30 -2.08 -4.31
C ILE A 181 15.78 -1.82 -2.90
N PRO A 182 14.45 -2.01 -2.71
CA PRO A 182 13.80 -1.79 -1.43
C PRO A 182 13.98 -2.99 -0.49
N LYS A 183 13.91 -2.75 0.82
CA LYS A 183 13.97 -3.83 1.80
C LYS A 183 12.67 -4.63 1.77
N VAL A 184 11.56 -3.90 1.72
CA VAL A 184 10.21 -4.48 1.85
C VAL A 184 9.26 -3.93 0.79
N ILE A 185 8.43 -4.82 0.25
CA ILE A 185 7.33 -4.42 -0.62
C ILE A 185 6.01 -4.82 0.02
N HIS A 186 5.20 -3.81 0.35
CA HIS A 186 3.87 -4.03 0.89
C HIS A 186 2.84 -3.99 -0.22
N SER A 187 1.99 -5.01 -0.23
CA SER A 187 0.89 -5.08 -1.18
C SER A 187 -0.36 -5.65 -0.54
N ASP A 188 -1.51 -5.51 -1.22
CA ASP A 188 -2.72 -6.25 -0.87
C ASP A 188 -2.61 -7.67 -1.39
N GLN A 189 -3.59 -8.51 -1.09
CA GLN A 189 -3.47 -9.92 -1.43
C GLN A 189 -4.17 -10.24 -2.74
N GLY A 190 -4.05 -9.35 -3.71
CA GLY A 190 -4.63 -9.58 -5.04
C GLY A 190 -3.78 -10.55 -5.81
N ALA A 191 -4.43 -11.34 -6.68
CA ALA A 191 -3.78 -12.47 -7.37
C ALA A 191 -2.41 -12.11 -7.95
N ALA A 192 -2.30 -10.90 -8.46
CA ALA A 192 -1.06 -10.38 -9.01
C ALA A 192 0.14 -10.56 -8.06
N PHE A 193 -0.07 -10.32 -6.77
CA PHE A 193 1.05 -10.26 -5.81
C PHE A 193 1.16 -11.49 -4.91
N THR A 194 0.10 -12.28 -4.83
CA THR A 194 0.13 -13.49 -4.01
C THR A 194 0.62 -14.69 -4.79
N SER A 195 0.94 -14.50 -6.06
CA SER A 195 1.38 -15.60 -6.93
C SER A 195 2.79 -16.04 -6.55
N SER A 196 3.12 -17.30 -6.78
CA SER A 196 4.43 -17.81 -6.40
C SER A 196 5.54 -17.15 -7.22
N THR A 197 5.25 -16.85 -8.49
CA THR A 197 6.21 -16.23 -9.39
C THR A 197 6.74 -14.93 -8.82
N PHE A 198 5.85 -14.17 -8.20
CA PHE A 198 6.24 -12.90 -7.60
C PHE A 198 7.16 -13.10 -6.39
N ALA A 199 6.73 -13.94 -5.45
CA ALA A 199 7.56 -14.33 -4.30
C ALA A 199 8.97 -14.70 -4.73
N GLU A 200 9.07 -15.55 -5.75
CA GLU A 200 10.37 -15.99 -6.28
C GLU A 200 11.21 -14.83 -6.81
N TRP A 201 10.57 -13.97 -7.60
CA TRP A 201 11.22 -12.78 -8.14
C TRP A 201 11.77 -11.95 -6.98
N ALA A 202 10.94 -11.77 -5.96
CA ALA A 202 11.30 -11.00 -4.78
C ALA A 202 12.41 -11.66 -3.97
N LYS A 203 12.38 -12.99 -3.89
CA LYS A 203 13.41 -13.68 -3.14
C LYS A 203 14.77 -13.54 -3.84
N GLU A 204 14.78 -13.67 -5.16
CA GLU A 204 15.99 -13.51 -5.97
C GLU A 204 16.75 -12.22 -5.66
N ARG A 205 16.03 -11.19 -5.18
CA ARG A 205 16.61 -9.87 -4.96
C ARG A 205 16.74 -9.48 -3.49
N GLY A 206 16.31 -10.36 -2.60
CA GLY A 206 16.42 -10.10 -1.16
C GLY A 206 15.43 -9.03 -0.75
N ILE A 207 14.19 -9.19 -1.21
CA ILE A 207 13.11 -8.29 -0.86
C ILE A 207 12.08 -9.09 -0.08
N HIS A 208 11.68 -8.58 1.08
CA HIS A 208 10.64 -9.22 1.86
C HIS A 208 9.28 -8.75 1.35
N LEU A 209 8.40 -9.70 1.05
CA LEU A 209 7.03 -9.36 0.73
C LEU A 209 6.24 -9.36 2.01
N GLU A 210 5.41 -8.33 2.15
CA GLU A 210 4.59 -8.14 3.32
C GLU A 210 3.19 -7.84 2.81
N PHE A 211 2.21 -8.56 3.34
CA PHE A 211 0.85 -8.46 2.83
C PHE A 211 -0.11 -7.85 3.83
N SER A 212 -1.04 -7.05 3.33
CA SER A 212 -2.17 -6.55 4.08
C SER A 212 -3.03 -7.72 4.51
N THR A 213 -3.70 -7.58 5.65
CA THR A 213 -4.75 -8.48 6.06
C THR A 213 -5.77 -8.57 4.91
N PRO A 214 -6.46 -9.73 4.75
CA PRO A 214 -7.47 -9.87 3.70
C PRO A 214 -8.57 -8.82 3.76
N TYR A 215 -8.95 -8.31 2.59
CA TYR A 215 -10.07 -7.37 2.43
C TYR A 215 -10.05 -6.18 3.40
N HIS A 216 -9.00 -5.36 3.31
CA HIS A 216 -8.75 -4.26 4.24
C HIS A 216 -7.79 -3.27 3.59
N PRO A 217 -8.32 -2.28 2.84
CA PRO A 217 -7.40 -1.39 2.13
C PRO A 217 -6.67 -0.39 3.02
N GLN A 218 -7.16 -0.18 4.25
CA GLN A 218 -6.51 0.76 5.18
C GLN A 218 -5.02 0.45 5.33
N SER A 219 -4.68 -0.85 5.29
CA SER A 219 -3.32 -1.36 5.43
C SER A 219 -2.46 -0.88 4.25
N SER A 220 -3.01 -0.92 3.05
CA SER A 220 -2.38 -0.30 1.89
C SER A 220 -2.62 1.23 1.78
N GLY A 221 -3.03 1.84 2.90
CA GLY A 221 -3.48 3.24 2.95
C GLY A 221 -2.57 4.26 2.28
N LYS A 222 -1.27 4.06 2.43
CA LYS A 222 -0.29 4.95 1.84
C LYS A 222 -0.46 4.92 0.33
N VAL A 223 -0.49 3.73 -0.27
CA VAL A 223 -0.66 3.66 -1.72
C VAL A 223 -2.09 4.02 -2.14
N GLU A 224 -3.07 3.72 -1.29
CA GLU A 224 -4.45 3.91 -1.70
C GLU A 224 -4.72 5.38 -1.77
N ARG A 225 -4.30 6.10 -0.73
CA ARG A 225 -4.44 7.56 -0.67
C ARG A 225 -3.79 8.23 -1.86
N LYS A 226 -2.71 7.66 -2.33
CA LYS A 226 -2.04 8.16 -3.52
C LYS A 226 -2.82 7.86 -4.80
N ASN A 227 -3.56 6.77 -4.83
CA ASN A 227 -4.39 6.49 -5.98
C ASN A 227 -5.42 7.61 -6.17
N SER A 228 -6.00 8.06 -5.07
CA SER A 228 -6.93 9.17 -5.10
C SER A 228 -6.34 10.37 -5.82
N ASP A 229 -5.16 10.81 -5.40
CA ASP A 229 -4.55 11.97 -6.05
C ASP A 229 -4.31 11.73 -7.52
N ILE A 230 -3.71 10.58 -7.85
CA ILE A 230 -3.48 10.21 -9.24
C ILE A 230 -4.76 10.33 -10.08
N LYS A 231 -5.83 9.68 -9.64
CA LYS A 231 -7.09 9.76 -10.32
C LYS A 231 -7.60 11.20 -10.39
N ARG A 232 -7.55 11.94 -9.28
CA ARG A 232 -8.10 13.30 -9.27
C ARG A 232 -7.39 14.25 -10.23
N LEU A 233 -6.07 14.14 -10.35
CA LEU A 233 -5.35 14.97 -11.31
C LEU A 233 -5.65 14.59 -12.77
N LEU A 234 -5.51 13.30 -13.11
CA LEU A 234 -5.89 12.82 -14.44
C LEU A 234 -7.26 13.36 -14.82
N THR A 235 -8.22 13.20 -13.91
CA THR A 235 -9.57 13.72 -14.08
C THR A 235 -9.61 15.19 -14.51
N LYS A 236 -8.91 16.05 -13.76
CA LYS A 236 -8.91 17.50 -14.01
C LYS A 236 -8.25 17.81 -15.34
N LEU A 237 -7.16 17.11 -15.61
CA LEU A 237 -6.49 17.29 -16.87
C LEU A 237 -7.30 16.75 -18.06
N LEU A 238 -8.34 15.99 -17.77
CA LEU A 238 -9.14 15.40 -18.83
C LEU A 238 -10.53 16.01 -19.01
N VAL A 239 -10.81 17.13 -18.33
CA VAL A 239 -12.14 17.76 -18.45
C VAL A 239 -12.33 18.24 -19.88
N GLY A 240 -13.45 17.89 -20.49
CA GLY A 240 -13.71 18.31 -21.86
C GLY A 240 -13.05 17.46 -22.92
N ARG A 241 -11.88 16.88 -22.64
CA ARG A 241 -11.17 16.04 -23.63
C ARG A 241 -11.58 14.57 -23.54
N PRO A 242 -11.26 13.77 -24.57
CA PRO A 242 -11.47 12.32 -24.44
C PRO A 242 -10.47 11.75 -23.45
N THR A 243 -10.82 10.65 -22.78
CA THR A 243 -10.00 10.07 -21.69
C THR A 243 -8.76 9.36 -22.21
N LYS A 244 -7.73 10.14 -22.52
CA LYS A 244 -6.49 9.63 -23.11
C LYS A 244 -5.38 9.65 -22.07
N TRP A 245 -5.52 8.81 -21.04
CA TRP A 245 -4.63 8.90 -19.91
C TRP A 245 -3.17 8.49 -20.15
N TYR A 246 -2.94 7.54 -21.06
CA TYR A 246 -1.61 6.97 -21.28
C TYR A 246 -0.51 8.03 -21.36
N ASP A 247 -0.73 9.03 -22.23
CA ASP A 247 0.23 10.09 -22.44
C ASP A 247 0.34 11.06 -21.26
N LEU A 248 -0.54 10.93 -20.28
CA LEU A 248 -0.52 11.87 -19.17
C LEU A 248 0.24 11.37 -17.95
N LEU A 249 0.30 10.04 -17.78
CA LEU A 249 0.94 9.45 -16.62
C LEU A 249 2.27 10.09 -16.23
N PRO A 250 3.24 10.22 -17.18
CA PRO A 250 4.49 10.91 -16.85
C PRO A 250 4.26 12.30 -16.25
N VAL A 251 3.45 13.10 -16.91
CA VAL A 251 3.13 14.44 -16.40
C VAL A 251 2.57 14.33 -14.98
N VAL A 252 1.58 13.45 -14.77
CA VAL A 252 0.98 13.28 -13.46
C VAL A 252 2.06 12.88 -12.44
N GLN A 253 2.85 11.87 -12.76
CA GLN A 253 3.89 11.38 -11.85
C GLN A 253 4.76 12.55 -11.41
N LEU A 254 5.25 13.30 -12.39
CA LEU A 254 6.15 14.41 -12.13
C LEU A 254 5.45 15.45 -11.27
N ALA A 255 4.24 15.83 -11.68
CA ALA A 255 3.45 16.83 -10.98
C ALA A 255 3.33 16.49 -9.50
N LEU A 256 2.88 15.26 -9.22
CA LEU A 256 2.58 14.85 -7.86
C LEU A 256 3.82 14.69 -6.99
N ASN A 257 4.95 14.35 -7.61
CA ASN A 257 6.18 14.15 -6.85
C ASN A 257 6.77 15.47 -6.42
N ASN A 258 6.37 16.51 -7.13
CA ASN A 258 6.83 17.83 -6.80
C ASN A 258 5.75 18.71 -6.15
N THR A 259 4.73 18.08 -5.57
CA THR A 259 3.68 18.80 -4.83
C THR A 259 3.91 18.79 -3.32
N TYR A 260 3.89 19.97 -2.70
CA TYR A 260 4.01 20.09 -1.24
C TYR A 260 2.85 19.44 -0.48
N SER A 261 3.16 18.77 0.63
CA SER A 261 2.14 18.41 1.61
C SER A 261 2.10 19.53 2.62
N PRO A 262 0.98 20.26 2.70
CA PRO A 262 0.92 21.43 3.57
C PRO A 262 1.38 21.16 5.00
N VAL A 263 1.20 19.91 5.43
CA VAL A 263 1.62 19.42 6.75
C VAL A 263 3.14 19.21 6.88
N LEU A 264 3.75 18.57 5.89
CA LEU A 264 5.17 18.29 5.97
C LEU A 264 5.96 19.51 5.60
N LYS A 265 5.40 20.32 4.71
CA LYS A 265 6.08 21.45 4.06
C LYS A 265 7.18 21.02 3.08
N TYR A 266 7.00 19.84 2.50
CA TYR A 266 7.92 19.27 1.52
C TYR A 266 7.22 18.48 0.42
N THR A 267 7.88 18.42 -0.72
CA THR A 267 7.47 17.58 -1.82
C THR A 267 8.17 16.23 -1.71
N PRO A 268 7.50 15.15 -2.13
CA PRO A 268 8.12 13.84 -2.10
C PRO A 268 9.52 13.88 -2.67
N HIS A 269 9.67 14.59 -3.79
CA HIS A 269 10.94 14.72 -4.48
C HIS A 269 11.99 15.35 -3.59
N GLN A 270 11.60 16.35 -2.80
CA GLN A 270 12.52 17.00 -1.89
C GLN A 270 12.98 16.01 -0.84
N LEU A 271 12.05 15.21 -0.34
CA LEU A 271 12.37 14.23 0.67
C LEU A 271 13.23 13.09 0.13
N LEU A 272 13.14 12.83 -1.18
CA LEU A 272 13.97 11.81 -1.77
C LEU A 272 15.37 12.32 -2.11
N PHE A 273 15.45 13.59 -2.50
CA PHE A 273 16.67 14.11 -3.12
C PHE A 273 17.38 15.23 -2.36
N GLY A 274 16.66 15.89 -1.47
CA GLY A 274 17.21 16.98 -0.66
C GLY A 274 17.47 18.26 -1.44
N ILE A 275 16.99 18.29 -2.68
CA ILE A 275 17.19 19.42 -3.57
C ILE A 275 16.26 19.26 -4.76
N ASP A 276 15.61 20.35 -5.17
CA ASP A 276 14.67 20.29 -6.30
C ASP A 276 15.39 20.04 -7.62
N SER A 277 14.68 19.49 -8.59
CA SER A 277 15.23 19.37 -9.95
C SER A 277 14.99 20.68 -10.69
N ASN A 278 15.15 20.66 -12.00
CA ASN A 278 14.85 21.81 -12.84
C ASN A 278 13.37 21.81 -13.21
N THR A 279 12.53 22.07 -12.22
CA THR A 279 11.10 22.17 -12.44
C THR A 279 10.61 23.58 -12.15
N PRO A 280 9.41 23.95 -12.64
CA PRO A 280 8.81 25.22 -12.26
C PRO A 280 8.88 25.47 -10.76
N PHE A 281 9.17 26.73 -10.41
CA PHE A 281 9.18 27.21 -9.01
C PHE A 281 10.07 26.42 -8.07
N ALA A 282 11.23 25.99 -8.56
CA ALA A 282 12.12 25.11 -7.78
C ALA A 282 12.82 25.83 -6.62
N ASN A 283 12.61 25.31 -5.41
CA ASN A 283 13.14 25.91 -4.19
C ASN A 283 14.66 26.04 -4.22
N GLN A 284 15.15 27.19 -3.78
CA GLN A 284 16.56 27.52 -3.88
C GLN A 284 17.26 27.80 -2.54
N ASP A 285 16.61 27.47 -1.43
CA ASP A 285 17.13 27.77 -0.09
C ASP A 285 18.55 27.22 0.20
N THR A 286 18.81 26.00 -0.25
CA THR A 286 20.08 25.34 0.02
C THR A 286 21.15 25.65 -1.00
N LEU A 287 20.85 26.58 -1.91
CA LEU A 287 21.74 26.89 -3.03
C LEU A 287 23.17 27.17 -2.61
N ASP A 288 23.35 27.63 -1.36
CA ASP A 288 24.67 28.03 -0.86
C ASP A 288 25.48 26.96 -0.12
N LEU A 289 24.81 25.92 0.36
CA LEU A 289 25.47 24.83 1.06
C LEU A 289 26.12 23.88 0.06
N THR A 290 27.23 23.27 0.46
CA THR A 290 27.84 22.20 -0.32
C THR A 290 26.88 21.05 -0.24
N ARG A 291 26.93 20.17 -1.23
CA ARG A 291 26.07 18.99 -1.23
C ARG A 291 26.06 18.28 0.14
N GLU A 292 27.22 18.23 0.79
CA GLU A 292 27.35 17.55 2.08
C GLU A 292 26.49 18.16 3.18
N GLU A 293 26.66 19.47 3.36
CA GLU A 293 25.86 20.23 4.33
C GLU A 293 24.38 20.11 4.00
N GLU A 294 24.09 20.04 2.70
CA GLU A 294 22.74 19.82 2.23
C GLU A 294 22.22 18.43 2.63
N LEU A 295 23.08 17.42 2.49
CA LEU A 295 22.68 16.03 2.74
C LEU A 295 22.40 15.72 4.20
N SER A 296 23.04 16.43 5.10
CA SER A 296 22.77 16.24 6.51
C SER A 296 21.52 17.01 6.94
N LEU A 297 21.32 18.20 6.38
CA LEU A 297 20.09 18.93 6.66
C LEU A 297 18.89 18.04 6.31
N LEU A 298 18.95 17.37 5.17
CA LEU A 298 17.88 16.46 4.73
C LEU A 298 17.70 15.29 5.69
N GLN A 299 18.82 14.71 6.13
CA GLN A 299 18.79 13.60 7.08
C GLN A 299 18.09 14.02 8.35
N GLU A 300 18.36 15.26 8.76
CA GLU A 300 17.72 15.86 9.92
C GLU A 300 16.23 16.11 9.68
N ILE A 301 15.91 16.74 8.55
CA ILE A 301 14.52 16.99 8.15
C ILE A 301 13.65 15.72 8.11
N ARG A 302 14.23 14.63 7.62
CA ARG A 302 13.54 13.35 7.50
C ARG A 302 13.10 12.74 8.83
N THR A 303 13.86 13.00 9.88
CA THR A 303 13.57 12.41 11.19
C THR A 303 12.60 13.26 12.00
N SER A 304 12.51 14.54 11.65
CA SER A 304 11.70 15.45 12.44
C SER A 304 10.36 15.77 11.78
N LEU A 305 9.84 14.85 10.97
CA LEU A 305 8.56 15.07 10.27
C LEU A 305 7.40 14.87 11.19
N TYR A 306 6.27 15.46 10.83
CA TYR A 306 5.03 15.24 11.55
C TYR A 306 4.70 13.76 11.64
N HIS A 307 4.25 13.34 12.82
CA HIS A 307 3.70 12.00 12.94
C HIS A 307 2.39 11.94 13.73
N PRO A 308 1.29 11.58 13.04
CA PRO A 308 -0.06 11.54 13.55
C PRO A 308 -0.21 10.56 14.71
N SER A 309 -0.90 10.99 15.76
CA SER A 309 -1.17 10.09 16.88
C SER A 309 -2.47 9.32 16.64
N THR A 310 -2.66 8.20 17.34
CA THR A 310 -3.90 7.44 17.17
C THR A 310 -5.05 8.12 17.93
N PRO A 311 -6.22 8.28 17.27
CA PRO A 311 -7.42 8.94 17.78
C PRO A 311 -8.03 8.27 19.01
N PRO A 312 -8.83 9.02 19.79
CA PRO A 312 -9.50 8.41 20.93
C PRO A 312 -10.48 7.34 20.50
N ALA A 313 -10.66 6.33 21.36
CA ALA A 313 -11.62 5.25 21.14
C ALA A 313 -13.04 5.76 21.20
N SER A 314 -13.93 5.20 20.40
CA SER A 314 -15.34 5.59 20.49
C SER A 314 -15.96 4.89 21.70
N SER A 315 -17.02 5.49 22.24
CA SER A 315 -17.75 4.99 23.40
C SER A 315 -17.80 3.48 23.49
N ARG A 316 -18.16 2.85 22.39
CA ARG A 316 -18.45 1.44 22.38
C ARG A 316 -17.59 0.70 21.39
N SER A 317 -16.29 0.72 21.65
CA SER A 317 -15.36 -0.07 20.89
C SER A 317 -15.21 -1.41 21.59
N TRP A 318 -14.63 -2.39 20.90
CA TRP A 318 -14.26 -3.66 21.49
C TRP A 318 -12.81 -3.94 21.16
N SER A 319 -12.11 -4.64 22.05
CA SER A 319 -10.76 -5.09 21.72
C SER A 319 -10.53 -6.57 21.95
N PRO A 320 -9.70 -7.16 21.06
CA PRO A 320 -9.46 -8.60 20.99
C PRO A 320 -8.65 -9.13 22.17
N VAL A 321 -9.14 -10.23 22.73
CA VAL A 321 -8.56 -10.86 23.90
C VAL A 321 -8.34 -12.33 23.55
N VAL A 322 -7.10 -12.81 23.71
CA VAL A 322 -6.76 -14.21 23.39
C VAL A 322 -7.78 -15.19 23.97
N GLY A 323 -8.35 -16.03 23.10
CA GLY A 323 -9.35 -17.02 23.51
C GLY A 323 -10.78 -16.53 23.48
N GLN A 324 -10.99 -15.37 22.86
CA GLN A 324 -12.32 -14.78 22.66
C GLN A 324 -13.02 -15.45 21.49
N LEU A 325 -14.34 -15.57 21.57
CA LEU A 325 -15.11 -16.01 20.42
C LEU A 325 -15.39 -14.85 19.49
N VAL A 326 -15.08 -15.06 18.21
CA VAL A 326 -14.94 -13.99 17.23
C VAL A 326 -15.40 -14.46 15.84
N GLN A 327 -16.05 -13.60 15.05
CA GLN A 327 -16.55 -14.03 13.74
C GLN A 327 -16.05 -13.19 12.59
N GLU A 328 -15.63 -13.85 11.53
CA GLU A 328 -15.04 -13.21 10.35
C GLU A 328 -16.11 -12.87 9.32
N ARG A 329 -15.98 -11.71 8.66
CA ARG A 329 -16.98 -11.29 7.66
C ARG A 329 -16.89 -12.16 6.42
N VAL A 330 -18.04 -12.57 5.89
CA VAL A 330 -18.04 -13.31 4.63
C VAL A 330 -17.51 -12.37 3.57
N ALA A 331 -16.52 -12.85 2.82
CA ALA A 331 -15.86 -12.09 1.78
C ALA A 331 -16.85 -11.57 0.74
N ARG A 332 -17.30 -12.45 -0.15
CA ARG A 332 -18.18 -12.03 -1.22
C ARG A 332 -19.55 -12.67 -1.06
N PRO A 333 -20.30 -12.24 -0.05
CA PRO A 333 -21.53 -12.94 0.34
C PRO A 333 -22.56 -12.98 -0.77
N ALA A 334 -23.14 -14.15 -1.00
CA ALA A 334 -24.21 -14.27 -1.99
C ALA A 334 -25.49 -13.54 -1.57
N SER A 335 -26.42 -13.39 -2.52
CA SER A 335 -27.70 -12.76 -2.24
C SER A 335 -28.50 -13.61 -1.24
N LEU A 336 -28.96 -12.96 -0.17
CA LEU A 336 -29.81 -13.59 0.86
C LEU A 336 -29.08 -14.54 1.81
N ARG A 337 -27.75 -14.60 1.72
CA ARG A 337 -26.93 -15.46 2.58
C ARG A 337 -26.28 -14.69 3.73
N PRO A 338 -25.92 -15.39 4.84
CA PRO A 338 -25.36 -14.73 6.01
C PRO A 338 -24.12 -13.93 5.75
N ARG A 339 -24.05 -12.73 6.33
CA ARG A 339 -22.93 -11.82 6.13
C ARG A 339 -21.69 -12.16 7.03
N TRP A 340 -21.79 -13.21 7.85
CA TRP A 340 -20.71 -13.65 8.75
C TRP A 340 -20.48 -15.15 8.76
N HIS A 341 -19.19 -15.54 8.89
CA HIS A 341 -18.79 -16.93 9.09
C HIS A 341 -19.14 -17.40 10.51
N LYS A 342 -19.13 -18.71 10.74
CA LYS A 342 -19.41 -19.25 12.07
C LYS A 342 -18.34 -18.75 13.03
N PRO A 343 -18.49 -19.00 14.35
CA PRO A 343 -17.48 -18.48 15.28
C PRO A 343 -16.11 -19.16 15.21
N SER A 344 -15.09 -18.41 15.61
CA SER A 344 -13.69 -18.83 15.60
C SER A 344 -13.05 -18.35 16.89
N THR A 345 -11.84 -18.84 17.18
CA THR A 345 -11.14 -18.41 18.39
C THR A 345 -9.91 -17.58 18.06
N VAL A 346 -9.78 -16.46 18.76
CA VAL A 346 -8.56 -15.67 18.80
C VAL A 346 -7.40 -16.53 19.34
N LEU A 347 -6.36 -16.68 18.52
CA LEU A 347 -5.21 -17.47 18.91
C LEU A 347 -4.06 -16.60 19.39
N LYS A 348 -3.75 -15.55 18.63
CA LYS A 348 -2.75 -14.57 19.06
C LYS A 348 -3.27 -13.19 18.70
N VAL A 349 -3.04 -12.24 19.61
CA VAL A 349 -3.31 -10.81 19.38
C VAL A 349 -1.99 -10.18 18.92
N LEU A 350 -1.85 -9.99 17.61
CA LEU A 350 -0.59 -9.51 17.03
C LEU A 350 -0.29 -8.07 17.40
N ASN A 351 -1.27 -7.19 17.19
CA ASN A 351 -1.30 -5.86 17.77
C ASN A 351 -2.77 -5.63 18.12
N PRO A 352 -3.13 -4.47 18.73
CA PRO A 352 -4.50 -4.44 19.24
C PRO A 352 -5.53 -4.36 18.11
N ARG A 353 -5.04 -4.44 16.86
CA ARG A 353 -5.86 -4.28 15.67
C ARG A 353 -5.75 -5.39 14.63
N THR A 354 -4.92 -6.38 14.94
CA THR A 354 -4.72 -7.51 14.07
C THR A 354 -4.66 -8.76 14.94
N VAL A 355 -5.34 -9.83 14.50
CA VAL A 355 -5.29 -11.09 15.25
C VAL A 355 -5.12 -12.32 14.37
N VAL A 356 -4.74 -13.44 15.01
CA VAL A 356 -4.73 -14.73 14.35
C VAL A 356 -5.91 -15.53 14.88
N ILE A 357 -6.67 -16.11 13.96
CA ILE A 357 -7.84 -16.89 14.33
C ILE A 357 -7.79 -18.32 13.79
N LEU A 358 -8.40 -19.22 14.55
CA LEU A 358 -8.65 -20.59 14.09
C LEU A 358 -10.03 -20.62 13.43
N ASP A 359 -10.02 -20.48 12.10
CA ASP A 359 -11.23 -20.25 11.32
C ASP A 359 -11.98 -21.53 10.97
N HIS A 360 -12.56 -21.48 9.77
CA HIS A 360 -13.30 -22.56 9.11
C HIS A 360 -12.45 -23.49 8.15
N LEU A 361 -11.88 -24.61 8.63
CA LEU A 361 -11.75 -25.01 10.03
C LEU A 361 -10.97 -26.31 10.05
N GLY A 362 -9.80 -26.32 10.70
CA GLY A 362 -9.26 -25.13 11.36
C GLY A 362 -7.93 -24.71 10.74
N ASN A 363 -7.94 -23.51 10.15
CA ASN A 363 -6.74 -22.92 9.57
C ASN A 363 -6.41 -21.61 10.26
N ASN A 364 -5.13 -21.24 10.26
CA ASN A 364 -4.68 -20.00 10.87
C ASN A 364 -4.82 -18.83 9.92
N ARG A 365 -5.54 -17.80 10.35
CA ARG A 365 -5.76 -16.64 9.51
C ARG A 365 -5.31 -15.39 10.22
N THR A 366 -4.49 -14.58 9.55
CA THR A 366 -4.19 -13.26 10.06
C THR A 366 -5.18 -12.30 9.43
N VAL A 367 -5.84 -11.54 10.30
CA VAL A 367 -7.11 -10.92 10.05
C VAL A 367 -7.20 -9.58 10.79
N SER A 368 -7.98 -8.65 10.26
CA SER A 368 -8.14 -7.32 10.87
C SER A 368 -9.38 -7.30 11.75
N ILE A 369 -9.37 -6.47 12.78
CA ILE A 369 -10.55 -6.28 13.61
C ILE A 369 -11.77 -5.84 12.77
N ASP A 370 -11.51 -4.96 11.80
CA ASP A 370 -12.58 -4.40 10.99
C ASP A 370 -13.33 -5.49 10.21
N ASN A 371 -12.70 -6.64 10.03
CA ASN A 371 -13.39 -7.76 9.42
C ASN A 371 -13.84 -8.81 10.43
N LEU A 372 -14.01 -8.37 11.68
CA LEU A 372 -14.43 -9.23 12.81
C LEU A 372 -15.55 -8.66 13.66
N LYS A 373 -16.43 -9.53 14.16
CA LYS A 373 -17.34 -9.15 15.26
C LYS A 373 -17.15 -10.06 16.45
N PRO A 374 -17.23 -9.50 17.66
CA PRO A 374 -17.18 -10.36 18.83
C PRO A 374 -18.50 -11.07 18.96
N THR A 375 -18.46 -12.41 19.02
CA THR A 375 -19.68 -13.19 19.19
C THR A 375 -20.36 -12.75 20.47
N SER A 376 -21.58 -12.23 20.32
CA SER A 376 -22.39 -11.77 21.43
C SER A 376 -22.88 -12.96 22.27
N HIS A 377 -22.97 -12.79 23.60
CA HIS A 377 -23.48 -13.83 24.54
C HIS A 377 -22.54 -15.05 24.77
N ASP B 119 31.54 31.09 -7.32
CA ASP B 119 30.28 30.49 -7.85
C ASP B 119 29.59 29.59 -6.80
N ARG B 120 28.38 29.11 -7.13
CA ARG B 120 27.63 28.20 -6.25
C ARG B 120 28.27 26.80 -6.30
N PRO B 121 28.27 26.07 -5.16
CA PRO B 121 28.78 24.68 -5.18
C PRO B 121 27.96 23.73 -6.06
N GLN B 122 28.65 22.83 -6.76
CA GLN B 122 28.06 21.88 -7.74
C GLN B 122 27.07 20.89 -7.09
N LYS B 123 25.88 20.75 -7.68
CA LYS B 123 24.82 19.91 -7.10
C LYS B 123 24.12 18.99 -8.13
N PRO B 124 23.52 17.88 -7.66
CA PRO B 124 22.91 16.93 -8.60
C PRO B 124 21.77 17.58 -9.36
N PHE B 125 21.63 17.23 -10.64
CA PHE B 125 20.66 17.84 -11.57
C PHE B 125 21.16 19.12 -12.27
N ASP B 126 22.34 19.60 -11.90
CA ASP B 126 22.95 20.73 -12.62
C ASP B 126 23.35 20.37 -14.04
N LYS B 127 23.77 19.13 -14.25
CA LYS B 127 24.22 18.70 -15.56
C LYS B 127 24.10 17.19 -15.70
N PHE B 128 23.54 16.79 -16.84
CA PHE B 128 23.39 15.39 -17.18
C PHE B 128 24.24 15.15 -18.42
N PHE B 129 25.27 14.33 -18.30
CA PHE B 129 26.07 13.96 -19.48
C PHE B 129 25.45 12.77 -20.16
N ILE B 130 25.21 12.89 -21.46
CA ILE B 130 24.54 11.83 -22.22
C ILE B 130 25.32 11.42 -23.46
N ASP B 131 25.31 10.13 -23.74
CA ASP B 131 25.97 9.63 -24.93
C ASP B 131 25.41 8.29 -25.36
N TYR B 132 25.70 7.88 -26.59
CA TYR B 132 25.27 6.59 -27.08
C TYR B 132 26.41 5.61 -27.07
N ILE B 133 26.09 4.38 -26.69
CA ILE B 133 26.98 3.24 -26.86
C ILE B 133 26.33 2.23 -27.81
N GLY B 134 27.13 1.74 -28.78
CA GLY B 134 26.64 0.79 -29.77
C GLY B 134 27.13 1.07 -31.19
N PRO B 135 26.79 0.19 -32.15
CA PRO B 135 25.86 -0.95 -32.03
C PRO B 135 26.40 -2.15 -31.26
N LEU B 136 25.50 -2.85 -30.58
CA LEU B 136 25.81 -4.09 -29.88
C LEU B 136 25.06 -5.26 -30.54
N PRO B 137 25.51 -6.51 -30.27
CA PRO B 137 24.70 -7.66 -30.69
C PRO B 137 23.28 -7.57 -30.13
N PRO B 138 22.26 -7.91 -30.95
CA PRO B 138 20.86 -7.69 -30.58
C PRO B 138 20.43 -8.50 -29.35
N SER B 139 19.94 -7.80 -28.34
CA SER B 139 19.26 -8.42 -27.22
C SER B 139 17.85 -7.87 -27.16
N GLN B 140 16.87 -8.77 -27.29
CA GLN B 140 15.45 -8.41 -27.33
C GLN B 140 15.16 -7.37 -28.42
N GLY B 141 15.86 -7.49 -29.56
CA GLY B 141 15.72 -6.53 -30.65
C GLY B 141 16.18 -5.11 -30.35
N TYR B 142 17.06 -4.96 -29.36
CA TYR B 142 17.68 -3.68 -29.01
C TYR B 142 19.17 -3.66 -29.36
N LEU B 143 19.68 -2.51 -29.79
CA LEU B 143 21.03 -2.45 -30.36
C LEU B 143 21.97 -1.43 -29.71
N TYR B 144 21.41 -0.43 -29.04
CA TYR B 144 22.19 0.67 -28.50
C TYR B 144 21.83 0.97 -27.07
N VAL B 145 22.77 1.54 -26.34
CA VAL B 145 22.50 2.04 -25.01
C VAL B 145 22.72 3.55 -24.96
N LEU B 146 21.71 4.27 -24.51
CA LEU B 146 21.85 5.69 -24.19
C LEU B 146 22.31 5.77 -22.76
N VAL B 147 23.34 6.58 -22.51
CA VAL B 147 23.96 6.66 -21.20
C VAL B 147 23.78 8.05 -20.62
N VAL B 148 23.11 8.13 -19.47
CA VAL B 148 22.95 9.38 -18.76
C VAL B 148 23.66 9.29 -17.43
N VAL B 149 24.67 10.14 -17.25
CA VAL B 149 25.36 10.28 -15.97
C VAL B 149 25.21 11.68 -15.41
N ASP B 150 24.80 11.75 -14.14
CA ASP B 150 24.73 13.02 -13.44
C ASP B 150 26.14 13.52 -13.10
N GLY B 151 26.40 14.76 -13.47
CA GLY B 151 27.74 15.34 -13.42
C GLY B 151 28.34 15.48 -12.04
N MET B 152 27.50 15.75 -11.05
CA MET B 152 27.93 15.97 -9.69
C MET B 152 28.09 14.67 -8.92
N THR B 153 27.05 13.82 -8.92
CA THR B 153 27.06 12.57 -8.14
C THR B 153 27.69 11.37 -8.86
N GLY B 154 27.63 11.34 -10.19
CA GLY B 154 28.05 10.16 -10.95
C GLY B 154 26.98 9.07 -11.04
N PHE B 155 25.74 9.44 -10.72
CA PHE B 155 24.65 8.49 -10.82
C PHE B 155 24.39 8.25 -12.28
N THR B 156 24.12 6.99 -12.61
CA THR B 156 23.99 6.59 -14.00
C THR B 156 22.62 5.99 -14.34
N TRP B 157 22.08 6.43 -15.47
CA TRP B 157 20.93 5.75 -16.05
C TRP B 157 21.31 5.16 -17.39
N LEU B 158 20.75 3.99 -17.68
CA LEU B 158 20.97 3.26 -18.93
C LEU B 158 19.65 2.97 -19.61
N TYR B 159 19.57 3.31 -20.89
CA TYR B 159 18.33 3.10 -21.63
C TYR B 159 18.61 2.38 -22.91
N PRO B 160 18.02 1.19 -23.07
CA PRO B 160 18.22 0.44 -24.31
C PRO B 160 17.40 1.09 -25.43
N THR B 161 18.00 1.30 -26.59
CA THR B 161 17.29 1.86 -27.74
C THR B 161 17.54 1.01 -28.99
N LYS B 162 16.70 1.22 -30.00
CA LYS B 162 16.84 0.50 -31.27
C LYS B 162 17.62 1.28 -32.33
N ALA B 163 17.96 2.53 -32.00
CA ALA B 163 18.68 3.44 -32.90
C ALA B 163 19.28 4.62 -32.14
N PRO B 164 20.44 5.13 -32.60
CA PRO B 164 21.00 6.35 -32.03
C PRO B 164 20.34 7.57 -32.67
N SER B 165 19.03 7.68 -32.51
CA SER B 165 18.25 8.68 -33.22
C SER B 165 17.69 9.68 -32.23
N THR B 166 17.27 10.84 -32.74
CA THR B 166 16.61 11.83 -31.90
C THR B 166 15.39 11.23 -31.21
N SER B 167 14.56 10.55 -32.02
CA SER B 167 13.36 9.88 -31.54
C SER B 167 13.65 8.93 -30.36
N ALA B 168 14.54 7.96 -30.58
CA ALA B 168 14.88 7.02 -29.51
C ALA B 168 15.39 7.72 -28.24
N THR B 169 16.13 8.82 -28.44
CA THR B 169 16.60 9.65 -27.33
C THR B 169 15.41 10.23 -26.59
N VAL B 170 14.53 10.89 -27.33
CA VAL B 170 13.43 11.61 -26.71
C VAL B 170 12.57 10.67 -25.87
N LYS B 171 12.20 9.52 -26.44
CA LYS B 171 11.41 8.51 -25.72
C LYS B 171 12.15 8.14 -24.42
N SER B 172 13.42 7.79 -24.53
CA SER B 172 14.21 7.45 -23.37
C SER B 172 14.21 8.56 -22.31
N LEU B 173 14.56 9.78 -22.71
CA LEU B 173 14.69 10.90 -21.77
C LEU B 173 13.34 11.35 -21.18
N ASN B 174 12.25 11.13 -21.92
CA ASN B 174 10.93 11.31 -21.33
C ASN B 174 10.76 10.42 -20.10
N VAL B 175 11.30 9.21 -20.15
CA VAL B 175 11.25 8.35 -19.00
C VAL B 175 12.02 9.01 -17.88
N LEU B 176 13.29 9.31 -18.10
CA LEU B 176 14.13 9.87 -17.05
C LEU B 176 13.59 11.17 -16.49
N THR B 177 13.03 12.02 -17.34
CA THR B 177 12.56 13.31 -16.86
C THR B 177 11.22 13.30 -16.13
N SER B 178 10.67 12.12 -15.82
CA SER B 178 9.50 12.01 -14.96
C SER B 178 9.95 11.90 -13.52
N ILE B 179 11.26 11.74 -13.38
CA ILE B 179 11.86 11.64 -12.08
C ILE B 179 12.41 13.01 -11.75
N ALA B 180 13.41 13.43 -12.53
CA ALA B 180 14.06 14.71 -12.32
C ALA B 180 14.41 15.34 -13.64
N ILE B 181 14.44 16.66 -13.68
CA ILE B 181 14.81 17.36 -14.90
C ILE B 181 16.13 18.08 -14.63
N PRO B 182 17.12 17.91 -15.52
CA PRO B 182 18.39 18.58 -15.31
C PRO B 182 18.30 20.03 -15.75
N LYS B 183 19.21 20.87 -15.24
CA LYS B 183 19.33 22.24 -15.74
C LYS B 183 20.03 22.24 -17.08
N VAL B 184 21.02 21.36 -17.25
CA VAL B 184 21.80 21.24 -18.48
C VAL B 184 22.02 19.79 -18.88
N ILE B 185 21.91 19.53 -20.18
CA ILE B 185 22.38 18.29 -20.77
C ILE B 185 23.62 18.62 -21.61
N HIS B 186 24.72 17.92 -21.35
CA HIS B 186 25.91 18.06 -22.18
C HIS B 186 26.04 16.79 -23.03
N SER B 187 26.55 16.94 -24.26
CA SER B 187 26.66 15.82 -25.18
C SER B 187 27.65 16.11 -26.30
N ASP B 188 28.09 15.06 -26.99
CA ASP B 188 28.89 15.24 -28.21
C ASP B 188 27.98 15.70 -29.35
N GLN B 189 28.55 16.08 -30.49
CA GLN B 189 27.75 16.63 -31.58
C GLN B 189 27.14 15.56 -32.50
N GLY B 190 26.76 14.43 -31.92
CA GLY B 190 26.09 13.35 -32.66
C GLY B 190 24.85 13.88 -33.34
N ALA B 191 24.54 13.34 -34.52
CA ALA B 191 23.41 13.85 -35.29
C ALA B 191 22.15 13.83 -34.44
N ALA B 192 22.06 12.83 -33.57
CA ALA B 192 20.88 12.64 -32.72
C ALA B 192 20.64 13.78 -31.73
N PHE B 193 21.71 14.43 -31.29
CA PHE B 193 21.60 15.49 -30.29
C PHE B 193 21.56 16.90 -30.90
N THR B 194 22.20 17.07 -32.05
CA THR B 194 22.23 18.38 -32.73
C THR B 194 20.94 18.71 -33.49
N SER B 195 20.09 17.71 -33.70
CA SER B 195 18.84 17.89 -34.44
C SER B 195 17.99 18.96 -33.80
N SER B 196 17.13 19.57 -34.63
CA SER B 196 16.24 20.64 -34.17
C SER B 196 15.05 20.12 -33.40
N THR B 197 14.65 18.88 -33.68
CA THR B 197 13.61 18.23 -32.89
C THR B 197 14.08 18.06 -31.45
N PHE B 198 15.33 17.64 -31.26
CA PHE B 198 15.86 17.51 -29.91
C PHE B 198 15.95 18.89 -29.30
N ALA B 199 16.48 19.83 -30.09
CA ALA B 199 16.59 21.22 -29.67
C ALA B 199 15.26 21.76 -29.11
N GLU B 200 14.16 21.55 -29.83
CA GLU B 200 12.84 22.00 -29.41
C GLU B 200 12.41 21.28 -28.11
N TRP B 201 12.50 19.95 -28.11
CA TRP B 201 12.25 19.15 -26.90
C TRP B 201 12.86 19.76 -25.64
N ALA B 202 14.11 20.21 -25.77
CA ALA B 202 14.83 20.73 -24.62
C ALA B 202 14.32 22.10 -24.22
N LYS B 203 14.01 22.94 -25.21
CA LYS B 203 13.44 24.25 -24.89
C LYS B 203 12.10 24.13 -24.20
N GLU B 204 11.28 23.16 -24.62
CA GLU B 204 10.02 22.86 -23.93
C GLU B 204 10.21 22.62 -22.44
N ARG B 205 11.11 21.72 -22.09
CA ARG B 205 11.30 21.36 -20.70
C ARG B 205 12.19 22.34 -19.94
N GLY B 206 12.66 23.38 -20.63
CA GLY B 206 13.50 24.41 -20.01
C GLY B 206 14.89 23.92 -19.64
N ILE B 207 15.45 23.07 -20.50
CA ILE B 207 16.78 22.48 -20.34
C ILE B 207 17.71 23.17 -21.31
N HIS B 208 18.82 23.70 -20.81
CA HIS B 208 19.83 24.28 -21.71
C HIS B 208 20.64 23.16 -22.33
N LEU B 209 20.99 23.33 -23.62
CA LEU B 209 21.82 22.36 -24.33
C LEU B 209 23.24 22.85 -24.53
N GLU B 210 24.19 21.98 -24.15
CA GLU B 210 25.61 22.29 -24.19
C GLU B 210 26.32 21.23 -25.02
N PHE B 211 27.15 21.69 -25.95
CA PHE B 211 27.79 20.79 -26.90
C PHE B 211 29.30 20.90 -26.81
N SER B 212 29.96 19.76 -26.70
CA SER B 212 31.42 19.68 -26.77
C SER B 212 31.89 19.91 -28.21
N THR B 213 32.99 20.64 -28.40
CA THR B 213 33.49 20.89 -29.76
C THR B 213 33.75 19.54 -30.45
N PRO B 214 33.63 19.49 -31.79
CA PRO B 214 33.78 18.21 -32.48
C PRO B 214 35.19 17.66 -32.32
N TYR B 215 35.28 16.35 -32.08
CA TYR B 215 36.55 15.62 -31.96
C TYR B 215 37.30 15.84 -30.64
N HIS B 216 37.01 16.94 -29.95
CA HIS B 216 37.59 17.23 -28.62
C HIS B 216 36.51 17.05 -27.55
N PRO B 217 36.10 15.79 -27.29
CA PRO B 217 34.89 15.58 -26.52
C PRO B 217 35.19 15.56 -25.01
N GLN B 218 35.08 16.72 -24.37
CA GLN B 218 35.40 16.86 -22.94
C GLN B 218 34.18 16.77 -21.98
N SER B 219 34.42 16.18 -20.80
CA SER B 219 33.44 16.11 -19.73
C SER B 219 34.15 16.44 -18.43
N SER B 220 33.47 16.21 -17.32
CA SER B 220 34.08 16.32 -16.00
C SER B 220 35.10 15.18 -15.79
N GLY B 221 36.13 15.44 -14.98
CA GLY B 221 37.13 14.43 -14.64
C GLY B 221 36.44 13.15 -14.16
N LYS B 222 35.59 13.30 -13.15
CA LYS B 222 34.78 12.23 -12.56
C LYS B 222 33.91 11.47 -13.57
N VAL B 223 33.46 12.16 -14.63
CA VAL B 223 32.54 11.60 -15.60
C VAL B 223 33.28 10.72 -16.61
N GLU B 224 34.45 11.15 -17.05
CA GLU B 224 35.28 10.32 -17.92
C GLU B 224 35.53 9.00 -17.20
N ARG B 225 36.06 9.09 -15.97
CA ARG B 225 36.33 7.94 -15.12
C ARG B 225 35.10 7.04 -14.99
N LYS B 226 33.92 7.64 -14.78
CA LYS B 226 32.69 6.87 -14.76
C LYS B 226 32.37 6.27 -16.12
N ASN B 227 32.25 7.12 -17.13
CA ASN B 227 31.88 6.70 -18.48
C ASN B 227 32.76 5.57 -19.01
N SER B 228 33.91 5.39 -18.35
CA SER B 228 34.88 4.37 -18.72
C SER B 228 34.55 3.00 -18.13
N ASP B 229 34.18 2.97 -16.85
CA ASP B 229 33.77 1.73 -16.19
C ASP B 229 32.62 1.10 -16.94
N ILE B 230 31.63 1.94 -17.28
CA ILE B 230 30.43 1.52 -18.01
C ILE B 230 30.85 0.70 -19.22
N LYS B 231 31.75 1.29 -20.01
CA LYS B 231 32.33 0.63 -21.18
C LYS B 231 33.03 -0.69 -20.81
N ARG B 232 33.94 -0.66 -19.82
CA ARG B 232 34.62 -1.88 -19.37
C ARG B 232 33.53 -2.91 -19.00
N LEU B 233 32.60 -2.48 -18.15
CA LEU B 233 31.64 -3.37 -17.53
C LEU B 233 30.72 -4.01 -18.56
N LEU B 234 30.43 -3.26 -19.62
CA LEU B 234 29.60 -3.79 -20.70
C LEU B 234 30.31 -4.94 -21.41
N THR B 235 31.51 -4.71 -21.94
CA THR B 235 32.25 -5.76 -22.61
C THR B 235 32.37 -6.97 -21.67
N LYS B 236 32.72 -6.70 -20.41
CA LYS B 236 32.95 -7.76 -19.43
C LYS B 236 31.80 -8.77 -19.39
N LEU B 237 30.58 -8.29 -19.14
CA LEU B 237 29.41 -9.16 -19.09
C LEU B 237 28.61 -9.10 -20.40
N LEU B 238 29.35 -9.00 -21.50
CA LEU B 238 28.77 -9.02 -22.83
C LEU B 238 29.34 -10.21 -23.62
N VAL B 239 30.62 -10.47 -23.46
CA VAL B 239 31.21 -11.69 -24.02
C VAL B 239 30.71 -12.90 -23.24
N GLY B 240 30.38 -13.98 -23.95
CA GLY B 240 29.80 -15.19 -23.35
C GLY B 240 28.35 -15.06 -22.87
N ARG B 241 27.85 -13.82 -22.80
CA ARG B 241 26.46 -13.52 -22.43
C ARG B 241 25.81 -12.58 -23.47
N PRO B 242 26.15 -12.75 -24.77
CA PRO B 242 26.04 -11.65 -25.75
C PRO B 242 24.63 -11.16 -26.04
N THR B 243 23.71 -12.07 -26.37
CA THR B 243 22.35 -11.67 -26.76
C THR B 243 21.41 -11.61 -25.54
N LYS B 244 21.99 -11.52 -24.35
CA LYS B 244 21.23 -11.53 -23.10
C LYS B 244 21.37 -10.24 -22.29
N TRP B 245 22.07 -9.25 -22.85
CA TRP B 245 22.44 -8.05 -22.09
C TRP B 245 21.29 -7.09 -21.73
N TYR B 246 20.15 -7.21 -22.41
CA TYR B 246 19.00 -6.37 -22.12
C TYR B 246 18.51 -6.59 -20.68
N ASP B 247 18.53 -7.85 -20.25
CA ASP B 247 18.04 -8.25 -18.93
C ASP B 247 19.00 -7.87 -17.82
N LEU B 248 20.28 -7.74 -18.15
CA LEU B 248 21.29 -7.44 -17.13
C LEU B 248 21.52 -5.95 -16.89
N LEU B 249 20.92 -5.09 -17.72
CA LEU B 249 21.08 -3.65 -17.54
C LEU B 249 20.78 -3.21 -16.11
N PRO B 250 19.59 -3.59 -15.58
CA PRO B 250 19.28 -3.30 -14.19
C PRO B 250 20.43 -3.65 -13.21
N VAL B 251 21.05 -4.81 -13.40
CA VAL B 251 22.13 -5.24 -12.51
C VAL B 251 23.36 -4.37 -12.74
N VAL B 252 23.69 -4.12 -14.01
CA VAL B 252 24.79 -3.26 -14.38
C VAL B 252 24.62 -1.87 -13.78
N GLN B 253 23.42 -1.34 -13.90
CA GLN B 253 23.10 -0.01 -13.43
C GLN B 253 23.33 0.06 -11.93
N LEU B 254 22.64 -0.81 -11.18
CA LEU B 254 22.78 -0.88 -9.72
C LEU B 254 24.24 -0.97 -9.33
N ALA B 255 24.99 -1.78 -10.07
CA ALA B 255 26.39 -2.04 -9.78
C ALA B 255 27.18 -0.73 -9.79
N LEU B 256 27.05 0.02 -10.88
CA LEU B 256 27.78 1.28 -11.04
C LEU B 256 27.44 2.26 -9.95
N ASN B 257 26.14 2.42 -9.68
CA ASN B 257 25.67 3.45 -8.76
C ASN B 257 26.06 3.20 -7.31
N ASN B 258 26.46 1.97 -7.04
CA ASN B 258 26.88 1.58 -5.71
C ASN B 258 28.37 1.28 -5.62
N THR B 259 29.12 1.75 -6.61
CA THR B 259 30.57 1.59 -6.56
C THR B 259 31.18 2.81 -5.89
N TYR B 260 32.12 2.56 -5.00
CA TYR B 260 32.86 3.62 -4.33
C TYR B 260 33.88 4.31 -5.24
N SER B 261 33.55 5.53 -5.71
CA SER B 261 34.56 6.41 -6.33
C SER B 261 35.58 6.81 -5.25
N PRO B 262 36.90 6.58 -5.50
CA PRO B 262 37.90 6.84 -4.45
C PRO B 262 37.81 8.27 -3.85
N VAL B 263 37.31 9.22 -4.65
CA VAL B 263 36.68 10.43 -4.14
C VAL B 263 35.19 10.44 -4.54
N LEU B 264 34.30 10.72 -3.57
CA LEU B 264 34.69 11.25 -2.26
C LEU B 264 34.59 10.22 -1.12
N LYS B 265 34.94 8.98 -1.44
CA LYS B 265 34.56 7.78 -0.66
C LYS B 265 33.06 7.73 -0.37
N TYR B 266 32.27 8.00 -1.43
CA TYR B 266 30.81 7.82 -1.43
C TYR B 266 30.37 7.16 -2.73
N THR B 267 29.25 6.45 -2.65
CA THR B 267 28.66 5.85 -3.82
C THR B 267 27.77 6.91 -4.49
N PRO B 268 27.66 6.90 -5.83
CA PRO B 268 26.65 7.75 -6.46
C PRO B 268 25.30 7.68 -5.74
N HIS B 269 24.91 6.48 -5.34
CA HIS B 269 23.66 6.29 -4.63
C HIS B 269 23.59 7.16 -3.39
N GLN B 270 24.70 7.23 -2.66
CA GLN B 270 24.76 7.95 -1.39
C GLN B 270 24.72 9.44 -1.56
N LEU B 271 25.34 9.92 -2.63
CA LEU B 271 25.39 11.36 -2.92
C LEU B 271 24.03 11.86 -3.38
N LEU B 272 23.31 11.01 -4.09
CA LEU B 272 22.00 11.36 -4.62
C LEU B 272 20.93 11.29 -3.53
N PHE B 273 20.95 10.23 -2.74
CA PHE B 273 19.87 9.99 -1.79
C PHE B 273 20.19 10.37 -0.35
N GLY B 274 21.48 10.51 -0.02
CA GLY B 274 21.90 10.86 1.34
C GLY B 274 21.60 9.74 2.32
N ILE B 275 21.94 8.53 1.91
CA ILE B 275 21.66 7.33 2.67
C ILE B 275 22.31 6.08 2.05
N ASP B 276 22.56 5.04 2.85
CA ASP B 276 23.10 3.76 2.36
C ASP B 276 22.18 3.06 1.36
N SER B 277 22.64 1.94 0.81
CA SER B 277 21.82 1.12 -0.10
C SER B 277 21.48 -0.18 0.58
N ASN B 278 20.48 -0.87 0.02
CA ASN B 278 20.13 -2.21 0.48
C ASN B 278 20.79 -3.26 -0.41
N THR B 279 21.54 -2.77 -1.40
CA THR B 279 22.48 -3.61 -2.13
C THR B 279 23.77 -2.83 -2.16
N PRO B 280 24.73 -3.20 -1.28
CA PRO B 280 26.08 -2.62 -1.35
C PRO B 280 27.01 -3.49 -2.21
N PHE B 281 28.16 -2.92 -2.62
CA PHE B 281 29.18 -3.70 -3.33
C PHE B 281 30.53 -3.63 -2.62
ZN ZN E . -32.39 -16.79 16.06
MN MN F . -5.24 -3.82 -5.43
MN MN G . -6.54 0.09 -4.46
N NH4 H . 5.20 0.46 13.54
CAA ELV I . -13.97 -0.58 1.14
CAB ELV I . -12.81 -4.95 -0.26
CAC ELV I . -10.17 -4.93 -0.26
OAD ELV I . -6.54 -1.90 -4.35
OAE ELV I . -8.37 -0.21 -3.27
OAF ELV I . -13.08 -5.71 -3.92
OAG ELV I . -7.31 -3.89 -4.87
FAH ELV I . -11.68 2.03 2.24
CLAI ELV I . -8.63 2.99 2.94
CAJ ELV I . -8.88 2.69 -0.80
CAK ELV I . -8.49 2.89 0.50
CAL ELV I . -10.18 2.28 -1.06
CAM ELV I . -10.80 0.11 -1.87
CAN ELV I . -12.35 -2.11 -1.48
CAO ELV I . -9.48 -3.61 -3.35
CAP ELV I . -12.76 -4.56 -3.22
CAQ ELV I . -12.43 1.63 -0.67
OAR ELV I . -14.01 -0.79 -0.29
CAS ELV I . -7.41 -2.78 -4.32
CAT ELV I . -9.42 2.66 1.49
CAU ELV I . -10.76 2.25 1.27
CAV ELV I . -11.12 2.06 -0.07
CAW ELV I . -12.03 0.25 -1.17
CAX ELV I . -12.80 -0.89 -0.98
CAY ELV I . -8.69 -2.49 -3.55
CAZ ELV I . -9.09 -1.20 -3.08
CBA ELV I . -10.34 -1.10 -2.38
CBB ELV I . -11.14 -2.24 -2.17
CBC ELV I . -11.48 -5.29 -1.05
CBD ELV I . -11.41 -4.78 -2.54
NBE ELV I . -10.68 -3.52 -2.67
C1 GOL J . -6.20 7.31 -26.01
O1 GOL J . -7.60 7.10 -26.09
C2 GOL J . -5.47 6.56 -27.12
O2 GOL J . -4.58 7.47 -27.72
C3 GOL J . -6.42 5.96 -28.17
O3 GOL J . -6.76 4.62 -27.87
C1 GOL K . 0.41 -14.09 1.86
O1 GOL K . -0.27 -14.83 0.87
C2 GOL K . 0.05 -14.49 3.30
O2 GOL K . -1.36 -14.62 3.41
C3 GOL K . 0.55 -13.41 4.27
O3 GOL K . 0.45 -13.73 5.66
C1 GOL L . -17.70 -21.39 6.81
O1 GOL L . -17.27 -20.24 7.50
C2 GOL L . -19.02 -21.78 7.43
O2 GOL L . -19.99 -21.81 6.41
C3 GOL L . -19.41 -20.68 8.38
O3 GOL L . -20.34 -21.24 9.25
C1 GOL M . 0.34 -14.74 -15.20
O1 GOL M . 0.67 -14.72 -16.57
C2 GOL M . -0.24 -13.37 -14.85
O2 GOL M . 0.81 -12.54 -14.40
C3 GOL M . -1.40 -13.47 -13.84
O3 GOL M . -0.96 -13.47 -12.49
MN MN N . 28.66 9.56 -29.22
#